data_3RU4
#
_entry.id   3RU4
#
_cell.length_a   49.477
_cell.length_b   54.571
_cell.length_c   69.286
_cell.angle_alpha   67.28
_cell.angle_beta   71.04
_cell.angle_gamma   73.55
#
_symmetry.space_group_name_H-M   'P 1'
#
loop_
_entity.id
_entity.type
_entity.pdbx_description
1 polymer 'Cationic trypsin'
2 polymer 'Bowman-Birk type seed trypsin and chymotrypsin inhibitor'
3 polymer 'Chymotrypsinogen A'
4 polymer 'Chymotrypsinogen A'
5 polymer 'Chymotrypsinogen A'
6 non-polymer 'CALCIUM ION'
7 non-polymer GLYCEROL
8 non-polymer 'SULFATE ION'
9 non-polymer 1,2-ETHANEDIOL
10 non-polymer (4R)-2-METHYLPENTANE-2,4-DIOL
11 water water
#
loop_
_entity_poly.entity_id
_entity_poly.type
_entity_poly.pdbx_seq_one_letter_code
_entity_poly.pdbx_strand_id
1 'polypeptide(L)'
;IVGGYTCGANTVPYQVSLNSGYHFCGGSLINSQWVVSAAHCYKSGIQVRLGEDNINVVEGNEQFISASKSIVHPSYNSNT
LNNDIMLIKLKSAASLNSRVASISLPTSCASAGTQCLISGWGNTKSSGTSYPDVLKCLKAPILSDSSCKSAYPGQITSNM
FCAGYLEGGKDSCQGDSGGPVVCSGKLQGIVSWGSGCAQKNKPGVYTKVCNYVSWIKQTIASN
;
T
2 'polypeptide(L)' SSKPCCDRCECTKSIPPQCRCSDVRLNSCHSACKSCACTFSIPAQCFCGDINDFCYKPCKS B
3 'polypeptide(L)' CGVPAIQPVLS C
4 'polypeptide(L)'
;IVNGEEAVPGSWPWQVSLQDKTGFHFCGGSLINENWVVTAAHCGVTTSDVVVAGEFDQGSSSEKIQKLKIAKVFKNSKYN
SLTINNDITLLKLSTAASFSQTVSAVCLPSASDDFAAGTTCVTTGWGLTRY
;
D
5 'polypeptide(L)'
;NTPDRLQQASLPLLSNTNCKKYWGTKIKDAMICAGASGVSSCMGDSGGPLVCKKNGAWTLVGIVSWGSSTCSTSTPGVYA
RVTALVNWVQQTLAAN
;
E
#
loop_
_chem_comp.id
_chem_comp.type
_chem_comp.name
_chem_comp.formula
CA non-polymer 'CALCIUM ION' 'Ca 2'
EDO non-polymer 1,2-ETHANEDIOL 'C2 H6 O2'
GOL non-polymer GLYCEROL 'C3 H8 O3'
MRD non-polymer (4R)-2-METHYLPENTANE-2,4-DIOL 'C6 H14 O2'
SO4 non-polymer 'SULFATE ION' 'O4 S -2'
#
# COMPACT_ATOMS: atom_id res chain seq x y z
N ILE A 1 13.24 -5.46 -22.84
CA ILE A 1 12.01 -5.23 -23.67
C ILE A 1 11.61 -6.55 -24.34
N VAL A 2 10.39 -6.95 -24.10
CA VAL A 2 9.85 -8.07 -24.73
C VAL A 2 8.96 -7.61 -25.87
N GLY A 3 9.10 -8.29 -27.02
CA GLY A 3 8.17 -8.06 -28.13
C GLY A 3 8.45 -6.75 -28.82
N GLY A 4 9.68 -6.26 -28.63
CA GLY A 4 10.07 -5.02 -29.24
C GLY A 4 10.87 -5.30 -30.48
N TYR A 5 11.64 -4.30 -30.86
CA TYR A 5 12.44 -4.37 -32.06
C TYR A 5 13.76 -3.68 -31.77
N THR A 6 14.76 -4.04 -32.55
CA THR A 6 16.03 -3.41 -32.40
C THR A 6 15.86 -1.92 -32.77
N CYS A 7 16.25 -1.04 -31.89
CA CYS A 7 15.99 0.41 -32.10
C CYS A 7 16.78 0.92 -33.32
N GLY A 8 18.03 0.47 -33.41
CA GLY A 8 18.94 1.02 -34.41
C GLY A 8 19.90 1.86 -33.62
N ALA A 9 21.15 1.78 -34.02
CA ALA A 9 22.19 2.30 -33.19
C ALA A 9 21.94 3.79 -32.96
N ASN A 10 21.89 4.16 -31.70
CA ASN A 10 21.87 5.59 -31.27
C ASN A 10 20.63 6.33 -31.71
N THR A 11 19.57 5.57 -32.02
CA THR A 11 18.32 6.17 -32.42
C THR A 11 17.53 6.58 -31.20
N VAL A 12 18.00 6.18 -30.01
CA VAL A 12 17.37 6.57 -28.76
C VAL A 12 18.46 7.25 -27.93
N PRO A 13 18.88 8.45 -28.38
CA PRO A 13 20.17 8.98 -27.93
C PRO A 13 20.15 9.43 -26.51
N TYR A 14 18.98 9.55 -25.91
CA TYR A 14 18.88 9.81 -24.46
C TYR A 14 18.94 8.53 -23.61
N GLN A 15 18.88 7.36 -24.24
CA GLN A 15 18.87 6.13 -23.44
C GLN A 15 20.26 5.98 -22.92
N VAL A 16 20.38 5.71 -21.63
CA VAL A 16 21.67 5.36 -21.08
C VAL A 16 21.54 4.02 -20.40
N SER A 17 22.68 3.39 -20.17
CA SER A 17 22.74 2.15 -19.41
C SER A 17 23.44 2.53 -18.12
N LEU A 18 22.96 1.99 -17.02
CA LEU A 18 23.53 2.18 -15.75
C LEU A 18 24.26 0.87 -15.53
N ASN A 19 25.54 1.03 -15.26
CA ASN A 19 26.44 -0.07 -15.19
C ASN A 19 27.16 -0.10 -13.85
N SER A 20 27.20 -1.26 -13.19
CA SER A 20 28.00 -1.43 -12.02
C SER A 20 28.85 -2.70 -12.25
N GLY A 21 29.49 -2.76 -13.41
CA GLY A 21 30.22 -3.94 -13.84
C GLY A 21 29.36 -4.83 -14.71
N TYR A 22 28.09 -4.49 -14.78
CA TYR A 22 27.14 -5.11 -15.67
C TYR A 22 25.99 -4.14 -15.79
N HIS A 23 25.26 -4.24 -16.89
CA HIS A 23 24.10 -3.41 -17.12
C HIS A 23 23.02 -3.80 -16.12
N PHE A 24 22.55 -2.86 -15.33
CA PHE A 24 21.54 -3.29 -14.35
C PHE A 24 20.26 -2.51 -14.40
N CYS A 25 20.27 -1.35 -15.08
CA CYS A 25 19.12 -0.48 -15.22
C CYS A 25 19.42 0.44 -16.38
N GLY A 26 18.39 1.05 -16.89
CA GLY A 26 18.57 2.12 -17.82
C GLY A 26 18.36 3.43 -17.13
N GLY A 27 18.31 4.42 -18.01
CA GLY A 27 18.09 5.73 -17.58
C GLY A 27 17.94 6.64 -18.79
N SER A 28 17.65 7.87 -18.49
CA SER A 28 17.38 8.82 -19.54
C SER A 28 18.13 10.08 -19.33
N LEU A 29 18.81 10.47 -20.37
CA LEU A 29 19.65 11.65 -20.25
C LEU A 29 18.72 12.87 -20.34
N ILE A 30 18.74 13.74 -19.36
CA ILE A 30 17.85 14.88 -19.44
C ILE A 30 18.59 16.19 -19.60
N ASN A 31 19.88 16.19 -19.33
CA ASN A 31 20.69 17.31 -19.89
C ASN A 31 22.13 16.80 -19.80
N SER A 32 23.10 17.66 -20.04
CA SER A 32 24.46 17.14 -20.20
C SER A 32 25.00 16.52 -18.89
N GLN A 33 24.35 16.84 -17.76
CA GLN A 33 24.90 16.45 -16.47
C GLN A 33 24.01 15.50 -15.70
N TRP A 34 22.82 15.26 -16.21
CA TRP A 34 21.79 14.59 -15.44
C TRP A 34 21.04 13.50 -16.19
N VAL A 35 20.76 12.42 -15.47
CA VAL A 35 20.06 11.26 -16.00
C VAL A 35 18.97 10.99 -15.02
N VAL A 36 17.80 10.70 -15.57
CA VAL A 36 16.68 10.29 -14.79
C VAL A 36 16.65 8.76 -14.87
N SER A 37 16.49 8.17 -13.73
CA SER A 37 16.26 6.77 -13.70
C SER A 37 15.25 6.43 -12.58
N ALA A 38 15.20 5.16 -12.19
CA ALA A 38 14.24 4.71 -11.18
C ALA A 38 14.96 4.66 -9.87
N ALA A 39 14.29 5.07 -8.83
CA ALA A 39 14.91 5.03 -7.51
C ALA A 39 15.33 3.60 -7.08
N HIS A 40 14.60 2.56 -7.53
CA HIS A 40 15.00 1.19 -7.17
C HIS A 40 16.29 0.73 -7.82
N CYS A 41 16.79 1.52 -8.78
CA CYS A 41 18.07 1.29 -9.43
C CYS A 41 19.20 1.94 -8.67
N TYR A 42 18.87 2.65 -7.62
CA TYR A 42 19.91 3.24 -6.82
C TYR A 42 20.97 2.24 -6.35
N LYS A 43 22.24 2.62 -6.54
CA LYS A 43 23.32 1.96 -5.88
C LYS A 43 24.48 2.90 -5.92
N SER A 44 25.41 2.67 -5.03
CA SER A 44 26.71 3.31 -5.08
C SER A 44 27.43 3.00 -6.39
N GLY A 45 28.21 3.97 -6.87
CA GLY A 45 29.23 3.64 -7.87
C GLY A 45 28.63 3.35 -9.22
N ILE A 46 27.51 3.95 -9.52
CA ILE A 46 26.96 3.78 -10.85
C ILE A 46 27.86 4.41 -11.89
N GLN A 47 28.03 3.70 -12.99
CA GLN A 47 28.65 4.31 -14.15
C GLN A 47 27.56 4.43 -15.16
N VAL A 48 27.42 5.63 -15.69
CA VAL A 48 26.42 5.88 -16.70
C VAL A 48 27.08 5.68 -18.04
N ARG A 49 26.43 4.92 -18.93
CA ARG A 49 27.02 4.68 -20.21
C ARG A 49 26.06 5.24 -21.24
N LEU A 50 26.53 6.23 -21.97
CA LEU A 50 25.80 6.98 -22.91
C LEU A 50 26.30 6.56 -24.28
N GLY A 51 25.47 6.86 -25.27
CA GLY A 51 25.78 6.58 -26.67
C GLY A 51 25.95 5.09 -26.94
N GLU A 52 25.29 4.25 -26.15
CA GLU A 52 25.43 2.80 -26.30
C GLU A 52 24.43 2.34 -27.29
N ASP A 53 24.85 1.42 -28.12
CA ASP A 53 23.87 0.60 -28.76
C ASP A 53 24.11 -0.82 -28.29
N ASN A 54 25.18 -1.39 -28.77
CA ASN A 54 25.46 -2.72 -28.28
C ASN A 54 26.11 -2.53 -26.94
N ILE A 55 25.46 -2.95 -25.86
CA ILE A 55 26.07 -2.70 -24.54
C ILE A 55 27.20 -3.63 -24.18
N ASN A 56 27.45 -4.68 -24.97
CA ASN A 56 28.51 -5.63 -24.76
C ASN A 56 29.62 -5.47 -25.75
N VAL A 57 29.56 -4.44 -26.59
CA VAL A 57 30.63 -4.27 -27.55
C VAL A 57 30.98 -2.78 -27.54
N VAL A 58 32.27 -2.50 -27.50
CA VAL A 58 32.75 -1.14 -27.66
C VAL A 58 32.68 -0.81 -29.16
N GLU A 59 31.76 0.08 -29.48
CA GLU A 59 31.50 0.41 -30.87
C GLU A 59 32.00 1.78 -31.26
N GLY A 60 32.29 2.64 -30.28
CA GLY A 60 33.02 3.85 -30.60
C GLY A 60 32.21 5.09 -30.30
N ASN A 61 30.94 4.95 -29.94
CA ASN A 61 30.20 6.19 -29.62
C ASN A 61 29.87 6.33 -28.14
N GLU A 62 30.43 5.44 -27.33
CA GLU A 62 30.16 5.40 -25.93
C GLU A 62 30.78 6.56 -25.20
N GLN A 63 30.09 6.98 -24.16
CA GLN A 63 30.69 7.82 -23.15
C GLN A 63 30.39 7.12 -21.86
N PHE A 64 31.43 6.76 -21.14
CA PHE A 64 31.18 6.17 -19.82
C PHE A 64 31.48 7.27 -18.85
N ILE A 65 30.51 7.61 -18.01
CA ILE A 65 30.75 8.69 -17.04
C ILE A 65 30.21 8.21 -15.70
N SER A 66 31.02 8.29 -14.66
CA SER A 66 30.60 7.87 -13.33
C SER A 66 29.53 8.80 -12.78
N ALA A 67 28.58 8.25 -12.02
CA ALA A 67 27.62 9.06 -11.25
C ALA A 67 28.42 9.80 -10.21
N SER A 68 28.19 11.10 -10.11
CA SER A 68 28.79 11.82 -8.97
C SER A 68 27.77 11.88 -7.81
N LYS A 69 26.50 11.79 -8.16
CA LYS A 69 25.40 11.90 -7.19
C LYS A 69 24.28 11.08 -7.69
N SER A 70 23.60 10.35 -6.82
CA SER A 70 22.50 9.52 -7.29
C SER A 70 21.45 9.80 -6.28
N ILE A 71 20.47 10.60 -6.70
CA ILE A 71 19.54 11.23 -5.76
C ILE A 71 18.17 10.62 -5.97
N VAL A 72 17.78 9.76 -5.03
CA VAL A 72 16.53 9.07 -5.06
CA VAL A 72 16.51 9.12 -5.15
C VAL A 72 15.47 10.09 -4.61
N HIS A 73 14.28 9.96 -5.14
CA HIS A 73 13.20 10.80 -4.69
C HIS A 73 13.06 10.66 -3.17
N PRO A 74 12.88 11.78 -2.45
CA PRO A 74 12.91 11.61 -0.99
C PRO A 74 11.69 10.88 -0.44
N SER A 75 10.65 10.69 -1.24
CA SER A 75 9.51 9.92 -0.76
C SER A 75 9.44 8.58 -1.47
N TYR A 76 10.55 8.15 -2.10
CA TYR A 76 10.61 6.84 -2.64
C TYR A 76 10.23 5.77 -1.60
N ASN A 77 9.30 4.91 -1.95
CA ASN A 77 8.87 3.83 -1.04
C ASN A 77 9.24 2.55 -1.79
N SER A 78 10.26 1.86 -1.30
CA SER A 78 10.84 0.70 -2.02
C SER A 78 9.90 -0.50 -1.96
N ASN A 79 8.92 -0.40 -1.07
CA ASN A 79 7.91 -1.46 -0.99
C ASN A 79 6.77 -1.34 -2.01
N THR A 80 6.34 -0.14 -2.29
CA THR A 80 5.25 0.01 -3.24
C THR A 80 5.77 0.58 -4.53
N LEU A 81 7.03 1.06 -4.51
CA LEU A 81 7.64 1.72 -5.69
C LEU A 81 7.03 3.04 -5.97
N ASN A 82 6.24 3.54 -5.04
CA ASN A 82 5.80 4.91 -5.20
C ASN A 82 7.01 5.92 -5.23
N ASN A 83 6.99 6.89 -6.15
CA ASN A 83 8.06 7.90 -6.32
C ASN A 83 9.36 7.23 -6.74
N ASP A 84 9.21 6.31 -7.69
CA ASP A 84 10.32 5.52 -8.15
C ASP A 84 11.02 6.32 -9.22
N ILE A 85 11.76 7.31 -8.74
CA ILE A 85 12.53 8.16 -9.63
C ILE A 85 13.81 8.54 -8.91
N MET A 86 14.84 8.69 -9.70
CA MET A 86 16.11 9.06 -9.16
C MET A 86 16.77 9.93 -10.20
N LEU A 87 17.59 10.84 -9.74
CA LEU A 87 18.41 11.63 -10.61
C LEU A 87 19.84 11.30 -10.34
N ILE A 88 20.55 11.16 -11.44
CA ILE A 88 21.93 10.84 -11.38
C ILE A 88 22.67 11.99 -11.97
N LYS A 89 23.63 12.51 -11.23
CA LYS A 89 24.40 13.61 -11.78
C LYS A 89 25.67 12.93 -12.31
N LEU A 90 26.09 13.34 -13.50
CA LEU A 90 27.30 12.79 -14.09
C LEU A 90 28.48 13.56 -13.57
N LYS A 91 29.60 12.85 -13.38
CA LYS A 91 30.76 13.44 -12.75
C LYS A 91 31.32 14.49 -13.68
N SER A 92 31.15 14.26 -14.98
CA SER A 92 31.52 15.24 -15.96
C SER A 92 30.39 15.37 -16.97
N ALA A 93 30.27 16.53 -17.61
CA ALA A 93 29.22 16.72 -18.61
C ALA A 93 29.42 15.73 -19.77
N ALA A 94 28.33 15.06 -20.13
CA ALA A 94 28.28 14.26 -21.32
C ALA A 94 28.43 15.21 -22.50
N SER A 95 29.04 14.68 -23.56
CA SER A 95 29.17 15.42 -24.81
CA SER A 95 29.18 15.40 -24.83
C SER A 95 27.92 15.18 -25.61
N LEU A 96 27.07 16.19 -25.71
CA LEU A 96 25.82 16.06 -26.47
C LEU A 96 26.08 16.34 -27.96
N ASN A 97 25.75 15.35 -28.81
CA ASN A 97 25.84 15.25 -30.30
C ASN A 97 24.57 14.51 -30.85
N SER A 98 24.60 13.97 -32.07
CA SER A 98 23.40 13.27 -32.56
C SER A 98 23.12 11.98 -31.78
N ARG A 99 24.21 11.34 -31.34
CA ARG A 99 24.11 9.98 -30.70
C ARG A 99 23.94 10.01 -29.19
N VAL A 100 24.15 11.18 -28.60
CA VAL A 100 23.94 11.32 -27.20
C VAL A 100 23.18 12.65 -27.14
N ALA A 101 21.97 12.57 -26.62
CA ALA A 101 21.13 13.76 -26.61
C ALA A 101 20.18 13.67 -25.43
N SER A 102 19.76 14.79 -24.88
CA SER A 102 18.88 14.68 -23.75
C SER A 102 17.48 14.53 -24.28
N ILE A 103 16.58 14.07 -23.41
CA ILE A 103 15.17 14.03 -23.78
C ILE A 103 14.48 15.05 -22.95
N SER A 104 13.49 15.73 -23.53
CA SER A 104 12.72 16.75 -22.82
C SER A 104 11.86 16.14 -21.76
N LEU A 105 11.71 16.85 -20.68
CA LEU A 105 10.71 16.41 -19.68
C LEU A 105 9.32 16.84 -20.15
N PRO A 106 8.31 16.21 -19.60
CA PRO A 106 6.96 16.64 -19.93
C PRO A 106 6.71 18.08 -19.55
N THR A 107 5.83 18.76 -20.26
CA THR A 107 5.25 19.97 -19.78
C THR A 107 3.83 19.71 -19.28
N SER A 108 3.33 18.53 -19.56
CA SER A 108 2.00 18.15 -19.05
C SER A 108 2.03 16.63 -19.00
N CYS A 109 1.17 16.03 -18.19
CA CYS A 109 0.95 14.59 -18.22
C CYS A 109 0.36 14.13 -19.54
N ALA A 110 0.93 13.08 -20.12
CA ALA A 110 0.41 12.62 -21.41
C ALA A 110 -0.94 11.98 -21.17
N SER A 111 -1.81 11.98 -22.16
CA SER A 111 -3.07 11.28 -21.93
C SER A 111 -2.97 9.78 -22.29
N ALA A 112 -3.84 8.97 -21.67
CA ALA A 112 -3.86 7.54 -21.98
C ALA A 112 -4.08 7.47 -23.51
N GLY A 113 -3.55 6.41 -24.15
CA GLY A 113 -3.80 6.19 -25.60
C GLY A 113 -2.62 6.79 -26.38
N THR A 114 -1.86 7.66 -25.74
CA THR A 114 -0.71 8.24 -26.42
C THR A 114 0.32 7.16 -26.60
N GLN A 115 0.89 7.10 -27.78
CA GLN A 115 1.85 6.08 -28.05
C GLN A 115 3.18 6.56 -27.53
N CYS A 116 3.92 5.65 -26.94
CA CYS A 116 5.24 5.95 -26.35
C CYS A 116 6.26 5.00 -26.87
N LEU A 117 7.49 5.42 -26.73
CA LEU A 117 8.67 4.57 -27.03
C LEU A 117 9.31 4.21 -25.72
N ILE A 118 9.38 2.88 -25.44
CA ILE A 118 10.01 2.35 -24.26
C ILE A 118 11.19 1.58 -24.77
N SER A 119 12.31 1.79 -24.14
CA SER A 119 13.50 1.13 -24.67
C SER A 119 14.37 0.69 -23.54
N GLY A 120 15.26 -0.25 -23.85
CA GLY A 120 16.22 -0.73 -22.89
C GLY A 120 16.85 -2.00 -23.35
N TRP A 121 17.78 -2.45 -22.51
CA TRP A 121 18.52 -3.58 -22.79
C TRP A 121 18.09 -4.74 -21.92
N GLY A 122 16.85 -4.68 -21.41
CA GLY A 122 16.36 -5.73 -20.55
C GLY A 122 15.98 -6.98 -21.31
N ASN A 123 15.57 -7.95 -20.51
CA ASN A 123 15.23 -9.23 -20.95
C ASN A 123 14.24 -9.11 -22.10
N THR A 124 14.42 -9.97 -23.10
CA THR A 124 13.53 -9.93 -24.25
C THR A 124 12.56 -11.08 -24.23
N LYS A 125 12.59 -11.83 -23.15
CA LYS A 125 11.72 -12.99 -23.04
C LYS A 125 10.74 -12.81 -21.90
N SER A 126 9.48 -13.18 -22.14
CA SER A 126 8.40 -13.08 -21.14
C SER A 126 8.45 -14.27 -20.16
N SER A 127 9.09 -15.36 -20.59
CA SER A 127 9.39 -16.46 -19.69
C SER A 127 10.79 -16.89 -20.01
N GLY A 128 11.65 -16.92 -19.01
CA GLY A 128 13.05 -17.23 -19.25
C GLY A 128 13.74 -15.91 -19.53
N THR A 129 14.99 -16.00 -19.98
CA THR A 129 15.86 -14.86 -19.94
C THR A 129 16.69 -14.82 -21.17
N SER A 130 16.65 -13.68 -21.83
CA SER A 130 17.51 -13.42 -22.95
C SER A 130 17.77 -11.95 -22.99
N TYR A 131 19.01 -11.59 -22.74
CA TYR A 131 19.36 -10.21 -22.69
C TYR A 131 19.95 -9.83 -24.03
N PRO A 132 19.50 -8.71 -24.59
CA PRO A 132 19.93 -8.35 -25.94
C PRO A 132 21.27 -7.64 -25.83
N ASP A 133 22.02 -7.63 -26.90
CA ASP A 133 23.24 -6.80 -26.91
C ASP A 133 22.86 -5.39 -27.26
N VAL A 134 22.01 -5.24 -28.26
CA VAL A 134 21.67 -3.91 -28.75
C VAL A 134 20.36 -3.49 -28.13
N LEU A 135 20.18 -2.18 -28.18
CA LEU A 135 19.09 -1.53 -27.57
C LEU A 135 17.82 -1.95 -28.29
N LYS A 136 16.83 -2.33 -27.48
CA LYS A 136 15.53 -2.71 -28.02
C LYS A 136 14.53 -1.61 -27.71
N CYS A 137 13.49 -1.55 -28.53
CA CYS A 137 12.53 -0.46 -28.53
C CYS A 137 11.17 -1.11 -28.59
N LEU A 138 10.17 -0.45 -28.02
CA LEU A 138 8.80 -0.97 -28.12
C LEU A 138 7.93 0.27 -28.16
N LYS A 139 7.00 0.30 -29.11
CA LYS A 139 5.99 1.35 -29.10
C LYS A 139 4.84 0.79 -28.28
N ALA A 140 4.39 1.56 -27.31
CA ALA A 140 3.35 1.05 -26.46
C ALA A 140 2.50 2.23 -26.09
N PRO A 141 1.20 1.99 -25.99
CA PRO A 141 0.36 3.10 -25.51
C PRO A 141 0.36 3.27 -24.02
N ILE A 142 0.10 4.50 -23.57
CA ILE A 142 -0.23 4.68 -22.14
C ILE A 142 -1.62 4.14 -21.88
N LEU A 143 -1.75 3.30 -20.84
CA LEU A 143 -3.06 2.75 -20.55
C LEU A 143 -3.75 3.71 -19.57
N SER A 144 -5.07 3.73 -19.59
CA SER A 144 -5.78 4.57 -18.71
C SER A 144 -5.54 4.10 -17.28
N ASP A 145 -5.63 5.06 -16.37
CA ASP A 145 -5.44 4.77 -15.00
C ASP A 145 -6.40 3.65 -14.53
N SER A 146 -7.65 3.68 -14.98
CA SER A 146 -8.58 2.65 -14.55
C SER A 146 -8.12 1.25 -15.00
N SER A 147 -7.61 1.11 -16.23
CA SER A 147 -7.06 -0.16 -16.71
CA SER A 147 -7.04 -0.13 -16.73
C SER A 147 -5.87 -0.58 -15.88
N CYS A 148 -5.02 0.39 -15.56
CA CYS A 148 -3.84 0.13 -14.81
C CYS A 148 -4.21 -0.38 -13.39
N LYS A 149 -5.13 0.35 -12.73
CA LYS A 149 -5.59 -0.07 -11.42
C LYS A 149 -6.34 -1.40 -11.45
N SER A 150 -7.05 -1.68 -12.54
CA SER A 150 -7.77 -2.91 -12.68
CA SER A 150 -7.77 -2.94 -12.66
C SER A 150 -6.78 -4.08 -12.75
N ALA A 151 -5.72 -3.85 -13.47
CA ALA A 151 -4.60 -4.79 -13.64
C ALA A 151 -3.84 -5.01 -12.35
N TYR A 152 -3.67 -3.96 -11.56
CA TYR A 152 -2.85 -4.01 -10.38
C TYR A 152 -3.60 -3.38 -9.23
N PRO A 153 -4.70 -4.00 -8.78
CA PRO A 153 -5.52 -3.32 -7.74
C PRO A 153 -4.71 -3.06 -6.48
N GLY A 154 -4.87 -1.86 -5.95
CA GLY A 154 -4.19 -1.50 -4.69
C GLY A 154 -2.74 -1.10 -4.86
N GLN A 155 -2.21 -1.13 -6.07
CA GLN A 155 -0.79 -0.98 -6.25
C GLN A 155 -0.40 0.24 -7.08
N ILE A 156 -1.40 0.84 -7.67
CA ILE A 156 -1.12 1.91 -8.62
C ILE A 156 -1.35 3.22 -7.92
N THR A 157 -0.23 3.92 -7.67
CA THR A 157 -0.35 5.21 -7.01
C THR A 157 -0.56 6.30 -8.07
N SER A 158 -0.75 7.54 -7.61
CA SER A 158 -0.88 8.66 -8.55
C SER A 158 0.41 8.92 -9.26
N ASN A 159 1.49 8.22 -8.87
CA ASN A 159 2.81 8.47 -9.48
C ASN A 159 3.21 7.44 -10.46
N MET A 160 2.20 6.65 -10.86
CA MET A 160 2.44 5.56 -11.74
C MET A 160 1.46 5.51 -12.86
N PHE A 161 1.89 4.91 -13.95
CA PHE A 161 0.96 4.57 -14.98
C PHE A 161 1.38 3.29 -15.64
N CYS A 162 0.43 2.69 -16.32
CA CYS A 162 0.68 1.53 -17.12
C CYS A 162 0.80 1.95 -18.55
N ALA A 163 1.58 1.15 -19.22
CA ALA A 163 1.79 1.29 -20.65
C ALA A 163 2.08 -0.11 -21.13
N GLY A 164 1.60 -0.40 -22.33
CA GLY A 164 1.88 -1.69 -22.93
C GLY A 164 0.61 -2.29 -23.45
N TYR A 165 0.45 -3.60 -23.19
CA TYR A 165 -0.48 -4.41 -23.93
C TYR A 165 -1.09 -5.34 -22.95
N LEU A 166 -2.36 -5.13 -22.71
CA LEU A 166 -3.09 -6.00 -21.83
C LEU A 166 -3.16 -7.42 -22.35
N GLU A 167 -3.04 -7.57 -23.66
CA GLU A 167 -3.09 -8.90 -24.29
CA GLU A 167 -3.12 -8.88 -24.27
C GLU A 167 -1.78 -9.63 -24.06
N GLY A 168 -0.77 -8.90 -23.58
CA GLY A 168 0.54 -9.47 -23.29
C GLY A 168 1.46 -9.42 -24.50
N GLY A 169 2.68 -9.88 -24.32
CA GLY A 169 3.51 -10.11 -25.48
C GLY A 169 4.48 -8.98 -25.71
N LYS A 170 4.20 -7.83 -25.15
CA LYS A 170 5.08 -6.69 -25.34
C LYS A 170 5.14 -5.89 -24.13
N ASP A 171 6.34 -5.67 -23.63
CA ASP A 171 6.47 -4.99 -22.35
C ASP A 171 7.91 -4.67 -22.13
N SER A 172 8.19 -3.93 -21.06
CA SER A 172 9.56 -3.82 -20.61
C SER A 172 9.76 -4.92 -19.63
N CYS A 173 11.00 -5.21 -19.31
CA CYS A 173 11.28 -6.38 -18.55
C CYS A 173 12.56 -6.11 -17.78
N GLN A 174 13.02 -7.08 -17.01
CA GLN A 174 14.17 -6.84 -16.11
C GLN A 174 15.37 -6.43 -16.95
N GLY A 175 16.03 -5.39 -16.46
CA GLY A 175 17.14 -4.72 -17.14
C GLY A 175 16.62 -3.48 -17.81
N ASP A 176 15.31 -3.31 -17.94
CA ASP A 176 14.81 -2.04 -18.53
C ASP A 176 14.55 -0.93 -17.53
N SER A 177 14.42 -1.32 -16.26
CA SER A 177 14.11 -0.38 -15.21
C SER A 177 14.91 0.87 -15.34
N GLY A 178 14.27 2.01 -15.07
CA GLY A 178 15.05 3.21 -14.97
C GLY A 178 15.02 3.86 -16.32
N GLY A 179 14.70 3.09 -17.35
CA GLY A 179 14.81 3.67 -18.67
C GLY A 179 13.55 4.40 -19.12
N PRO A 180 13.58 4.90 -20.35
CA PRO A 180 12.62 5.89 -20.79
C PRO A 180 11.33 5.33 -21.33
N VAL A 181 10.29 6.09 -21.06
CA VAL A 181 9.04 5.97 -21.78
C VAL A 181 8.84 7.37 -22.43
N VAL A 182 9.02 7.46 -23.74
CA VAL A 182 9.01 8.75 -24.28
C VAL A 182 7.82 8.86 -25.18
N CYS A 183 7.05 9.94 -25.02
CA CYS A 183 5.76 10.00 -25.75
C CYS A 183 5.75 11.37 -26.32
N SER A 184 5.56 11.46 -27.66
CA SER A 184 5.57 12.72 -28.34
C SER A 184 6.76 13.57 -27.87
N GLY A 185 7.93 12.95 -27.82
CA GLY A 185 9.21 13.65 -27.53
C GLY A 185 9.41 14.06 -26.06
N LYS A 186 8.56 13.59 -25.15
CA LYS A 186 8.77 13.91 -23.74
C LYS A 186 8.91 12.65 -22.99
N LEU A 187 9.79 12.66 -21.98
CA LEU A 187 9.97 11.58 -21.08
C LEU A 187 8.76 11.49 -20.12
N GLN A 188 7.75 10.70 -20.47
CA GLN A 188 6.59 10.58 -19.57
C GLN A 188 6.75 9.56 -18.51
N GLY A 189 7.59 8.58 -18.80
CA GLY A 189 7.71 7.43 -17.89
C GLY A 189 9.10 6.98 -17.65
N ILE A 190 9.25 6.25 -16.55
CA ILE A 190 10.44 5.56 -16.22
C ILE A 190 10.02 4.13 -15.97
N VAL A 191 10.67 3.22 -16.65
CA VAL A 191 10.48 1.80 -16.37
C VAL A 191 10.61 1.49 -14.92
N SER A 192 9.54 0.93 -14.37
CA SER A 192 9.52 0.77 -12.96
C SER A 192 9.30 -0.69 -12.56
N TRP A 193 8.10 -1.21 -12.83
CA TRP A 193 7.85 -2.54 -12.34
C TRP A 193 6.71 -3.18 -13.09
N GLY A 194 6.43 -4.44 -12.75
CA GLY A 194 5.27 -5.13 -13.31
C GLY A 194 5.20 -6.45 -12.64
N SER A 195 4.11 -7.13 -12.95
CA SER A 195 4.00 -8.48 -12.61
C SER A 195 4.48 -9.28 -13.78
N GLY A 196 5.70 -9.80 -13.66
CA GLY A 196 6.33 -10.43 -14.78
C GLY A 196 6.57 -9.42 -15.88
N CYS A 197 6.80 -9.93 -17.09
CA CYS A 197 6.91 -9.06 -18.26
C CYS A 197 6.05 -9.63 -19.31
N ALA A 198 5.29 -8.75 -19.96
CA ALA A 198 4.57 -9.12 -21.18
C ALA A 198 3.46 -10.14 -20.91
N GLN A 199 3.03 -10.21 -19.65
CA GLN A 199 1.99 -11.16 -19.31
C GLN A 199 0.66 -10.53 -19.61
N LYS A 200 -0.28 -11.35 -20.01
CA LYS A 200 -1.64 -10.89 -20.17
C LYS A 200 -2.15 -10.21 -18.89
N ASN A 201 -2.74 -9.04 -19.06
CA ASN A 201 -3.38 -8.31 -17.97
C ASN A 201 -2.40 -7.70 -16.98
N LYS A 202 -1.13 -7.69 -17.34
CA LYS A 202 -0.09 -7.22 -16.43
C LYS A 202 0.81 -6.34 -17.23
N PRO A 203 0.32 -5.12 -17.56
CA PRO A 203 1.18 -4.23 -18.36
C PRO A 203 2.34 -3.73 -17.47
N GLY A 204 3.38 -3.20 -18.07
CA GLY A 204 4.43 -2.54 -17.27
C GLY A 204 3.86 -1.34 -16.58
N VAL A 205 4.43 -1.04 -15.42
CA VAL A 205 4.03 0.10 -14.68
C VAL A 205 5.28 0.99 -14.69
N TYR A 206 5.02 2.29 -14.81
CA TYR A 206 6.00 3.32 -15.13
C TYR A 206 5.80 4.42 -14.15
N THR A 207 6.91 5.00 -13.73
CA THR A 207 6.86 6.17 -12.91
C THR A 207 6.39 7.34 -13.79
N LYS A 208 5.41 8.05 -13.28
CA LYS A 208 4.75 9.13 -13.99
CA LYS A 208 4.79 9.13 -14.03
C LYS A 208 5.63 10.37 -13.85
N VAL A 209 6.52 10.55 -14.79
CA VAL A 209 7.49 11.62 -14.72
C VAL A 209 6.91 13.01 -14.66
N CYS A 210 5.75 13.21 -15.30
CA CYS A 210 5.17 14.53 -15.32
C CYS A 210 4.88 14.95 -13.91
N ASN A 211 4.80 14.02 -12.95
CA ASN A 211 4.53 14.47 -11.60
C ASN A 211 5.79 14.99 -10.94
N TYR A 212 6.94 14.81 -11.58
CA TYR A 212 8.17 15.04 -10.90
C TYR A 212 8.94 16.18 -11.53
N VAL A 213 8.34 16.86 -12.50
CA VAL A 213 9.13 17.88 -13.21
C VAL A 213 9.66 18.93 -12.23
N SER A 214 8.85 19.40 -11.28
CA SER A 214 9.40 20.40 -10.35
C SER A 214 10.49 19.80 -9.51
N TRP A 215 10.26 18.58 -9.03
CA TRP A 215 11.28 17.97 -8.15
C TRP A 215 12.58 17.82 -8.92
N ILE A 216 12.44 17.45 -10.18
CA ILE A 216 13.64 17.26 -11.07
C ILE A 216 14.33 18.61 -11.22
N LYS A 217 13.56 19.63 -11.57
CA LYS A 217 14.15 20.98 -11.65
C LYS A 217 14.88 21.38 -10.36
N GLN A 218 14.22 21.10 -9.26
CA GLN A 218 14.69 21.55 -7.99
C GLN A 218 15.98 20.81 -7.70
N THR A 219 15.98 19.51 -7.97
CA THR A 219 17.13 18.64 -7.62
C THR A 219 18.32 19.04 -8.48
N ILE A 220 18.04 19.20 -9.76
CA ILE A 220 19.06 19.73 -10.65
C ILE A 220 19.56 21.09 -10.15
N ALA A 221 18.64 22.00 -9.82
CA ALA A 221 19.03 23.35 -9.41
C ALA A 221 19.86 23.34 -8.06
N SER A 222 19.74 22.23 -7.31
CA SER A 222 20.25 22.18 -5.95
C SER A 222 21.52 21.38 -5.89
N ASN A 223 21.92 20.79 -7.01
CA ASN A 223 23.04 19.88 -7.00
C ASN A 223 24.06 20.09 -8.10
N SER B 1 11.96 -20.66 -3.00
CA SER B 1 11.39 -20.19 -4.30
C SER B 1 10.28 -21.13 -4.83
N SER B 2 10.66 -22.37 -5.10
CA SER B 2 9.65 -23.38 -5.30
C SER B 2 9.55 -24.16 -3.99
N LYS B 3 8.55 -23.79 -3.18
CA LYS B 3 8.31 -24.18 -1.80
C LYS B 3 7.01 -23.47 -1.33
N PRO B 4 7.15 -22.21 -0.88
CA PRO B 4 5.89 -21.47 -0.85
C PRO B 4 5.58 -20.94 -2.23
N CYS B 5 4.41 -20.34 -2.39
CA CYS B 5 3.98 -20.01 -3.71
C CYS B 5 3.40 -18.61 -3.65
N CYS B 6 3.31 -17.99 -4.81
CA CYS B 6 2.81 -16.64 -4.91
C CYS B 6 2.09 -16.52 -6.23
N ASP B 7 0.82 -16.16 -6.19
CA ASP B 7 0.14 -15.95 -7.45
C ASP B 7 0.42 -14.60 -8.05
N ARG B 8 0.57 -13.62 -7.21
CA ARG B 8 0.63 -12.26 -7.61
C ARG B 8 1.97 -11.71 -7.17
N CYS B 9 2.94 -11.76 -8.08
CA CYS B 9 4.29 -11.35 -7.77
C CYS B 9 4.53 -10.08 -8.58
N GLU B 10 5.14 -9.08 -7.99
CA GLU B 10 5.48 -7.88 -8.74
C GLU B 10 6.96 -7.71 -8.58
N CYS B 11 7.66 -7.38 -9.66
CA CYS B 11 9.09 -7.17 -9.52
C CYS B 11 9.42 -5.88 -10.21
N THR B 12 10.38 -5.17 -9.67
CA THR B 12 10.97 -4.07 -10.38
C THR B 12 11.69 -4.69 -11.59
N LYS B 13 11.91 -3.88 -12.63
CA LYS B 13 12.58 -4.39 -13.80
C LYS B 13 14.08 -4.15 -13.84
N SER B 14 14.71 -4.32 -12.70
CA SER B 14 16.12 -4.06 -12.52
C SER B 14 16.76 -5.42 -12.55
N ILE B 15 18.09 -5.43 -12.58
CA ILE B 15 18.84 -6.66 -12.54
C ILE B 15 19.75 -6.47 -11.32
N PRO B 16 19.51 -7.23 -10.24
CA PRO B 16 18.44 -8.18 -10.11
C PRO B 16 17.11 -7.46 -9.85
N PRO B 17 16.01 -8.16 -10.04
CA PRO B 17 14.74 -7.55 -9.74
C PRO B 17 14.54 -7.56 -8.24
N GLN B 18 13.61 -6.72 -7.81
CA GLN B 18 13.22 -6.66 -6.44
C GLN B 18 11.78 -7.05 -6.53
N CYS B 19 11.45 -8.20 -5.97
CA CYS B 19 10.14 -8.78 -6.14
C CYS B 19 9.44 -8.96 -4.83
N ARG B 20 8.13 -8.85 -4.90
CA ARG B 20 7.35 -9.13 -3.71
CA ARG B 20 7.21 -8.94 -3.75
C ARG B 20 6.13 -9.88 -4.12
N CYS B 21 5.56 -10.59 -3.15
CA CYS B 21 4.33 -11.28 -3.41
C CYS B 21 3.25 -10.46 -2.74
N SER B 22 2.20 -10.16 -3.48
CA SER B 22 1.16 -9.30 -2.95
C SER B 22 -0.09 -10.09 -2.72
N ASP B 23 -0.01 -11.41 -2.81
CA ASP B 23 -1.08 -12.31 -2.39
C ASP B 23 -1.52 -11.95 -1.01
N VAL B 24 -2.83 -11.97 -0.85
CA VAL B 24 -3.38 -11.95 0.48
C VAL B 24 -3.80 -13.32 0.80
N ARG B 25 -3.41 -13.80 1.97
CA ARG B 25 -3.81 -15.07 2.44
C ARG B 25 -4.58 -14.86 3.71
N LEU B 26 -5.37 -15.86 4.06
CA LEU B 26 -6.12 -15.80 5.25
C LEU B 26 -5.25 -16.33 6.39
N ASN B 27 -5.08 -15.51 7.43
CA ASN B 27 -4.64 -15.97 8.75
C ASN B 27 -3.16 -16.25 8.90
N SER B 28 -2.48 -16.53 7.79
CA SER B 28 -1.06 -16.48 7.84
C SER B 28 -0.53 -16.21 6.50
N CYS B 29 0.74 -15.86 6.50
CA CYS B 29 1.47 -15.73 5.28
C CYS B 29 2.04 -17.05 4.88
N HIS B 30 2.61 -17.09 3.69
CA HIS B 30 3.20 -18.30 3.23
C HIS B 30 4.36 -18.68 4.11
N SER B 31 4.70 -19.96 4.03
CA SER B 31 5.71 -20.63 4.81
C SER B 31 7.07 -19.96 4.75
N ALA B 32 7.37 -19.18 3.72
CA ALA B 32 8.73 -18.60 3.65
C ALA B 32 8.75 -17.12 4.00
N CYS B 33 7.60 -16.61 4.38
CA CYS B 33 7.47 -15.18 4.61
C CYS B 33 8.19 -14.78 5.89
N LYS B 34 9.10 -13.83 5.82
CA LYS B 34 9.78 -13.43 7.03
C LYS B 34 9.01 -12.29 7.69
N SER B 35 8.25 -11.55 6.88
CA SER B 35 7.67 -10.35 7.37
C SER B 35 6.18 -10.36 6.99
N CYS B 36 5.36 -10.76 7.95
CA CYS B 36 3.94 -10.97 7.70
C CYS B 36 3.11 -9.99 8.53
N ALA B 37 2.02 -9.48 7.95
CA ALA B 37 1.20 -8.54 8.71
C ALA B 37 -0.17 -8.93 8.34
N CYS B 38 -1.09 -8.81 9.27
CA CYS B 38 -2.42 -9.25 8.98
C CYS B 38 -3.38 -8.23 9.56
N THR B 39 -4.51 -8.15 8.92
CA THR B 39 -5.62 -7.44 9.53
C THR B 39 -6.09 -8.24 10.73
N PHE B 40 -6.67 -7.55 11.70
CA PHE B 40 -7.13 -8.22 12.90
C PHE B 40 -8.59 -8.70 12.81
N SER B 41 -8.93 -9.17 11.64
CA SER B 41 -10.29 -9.58 11.36
C SER B 41 -10.32 -11.11 11.33
N ILE B 42 -11.51 -11.61 11.13
CA ILE B 42 -11.71 -12.99 10.94
C ILE B 42 -12.46 -13.16 9.63
N PRO B 43 -11.79 -13.79 8.64
CA PRO B 43 -10.42 -14.12 8.62
C PRO B 43 -9.48 -12.91 8.60
N ALA B 44 -8.23 -13.15 9.03
CA ALA B 44 -7.20 -12.13 8.97
C ALA B 44 -6.67 -12.13 7.54
N GLN B 45 -6.58 -10.94 6.98
CA GLN B 45 -6.00 -10.75 5.68
C GLN B 45 -4.54 -10.51 5.95
N CYS B 46 -3.71 -11.43 5.46
CA CYS B 46 -2.28 -11.46 5.78
C CYS B 46 -1.52 -11.23 4.51
N PHE B 47 -0.42 -10.48 4.68
CA PHE B 47 0.34 -9.99 3.53
CA PHE B 47 0.34 -10.01 3.53
C PHE B 47 1.79 -10.18 3.89
N CYS B 48 2.57 -10.74 2.98
CA CYS B 48 3.98 -10.94 3.22
C CYS B 48 4.70 -9.75 2.61
N GLY B 49 5.44 -8.97 3.41
CA GLY B 49 6.10 -7.83 2.85
C GLY B 49 7.49 -8.16 2.32
N ASP B 50 7.90 -9.42 2.35
CA ASP B 50 9.26 -9.71 1.94
C ASP B 50 9.57 -9.28 0.53
N ILE B 51 10.78 -8.76 0.37
CA ILE B 51 11.28 -8.49 -0.94
C ILE B 51 12.39 -9.46 -1.21
N ASN B 52 12.32 -10.08 -2.39
CA ASN B 52 13.30 -11.06 -2.79
C ASN B 52 13.69 -10.74 -4.21
N ASP B 53 14.75 -11.35 -4.67
CA ASP B 53 15.10 -11.13 -6.06
C ASP B 53 14.49 -12.18 -6.97
N PHE B 54 13.41 -12.82 -6.52
CA PHE B 54 12.74 -13.78 -7.37
C PHE B 54 11.28 -13.74 -6.94
N CYS B 55 10.45 -14.35 -7.76
CA CYS B 55 9.11 -14.73 -7.39
C CYS B 55 9.02 -16.19 -6.97
N TYR B 56 8.22 -16.46 -5.94
CA TYR B 56 7.96 -17.83 -5.59
C TYR B 56 7.18 -18.38 -6.74
N LYS B 57 7.14 -19.70 -6.82
CA LYS B 57 6.44 -20.31 -7.92
C LYS B 57 4.93 -19.88 -7.81
N PRO B 58 4.23 -19.85 -8.93
CA PRO B 58 2.81 -19.57 -8.84
C PRO B 58 2.13 -20.60 -7.96
N CYS B 59 1.10 -20.18 -7.25
CA CYS B 59 0.27 -21.15 -6.54
C CYS B 59 -0.56 -21.91 -7.57
N LYS B 60 -1.28 -21.18 -8.45
CA LYS B 60 -2.11 -21.81 -9.48
C LYS B 60 -1.21 -22.31 -10.61
N SER B 61 -1.63 -23.35 -11.32
CA SER B 61 -1.02 -23.76 -12.59
C SER B 61 -1.35 -22.74 -13.69
N CYS C 1 -22.52 11.38 23.77
CA CYS C 1 -21.62 10.34 23.29
C CYS C 1 -20.42 10.20 24.22
N GLY C 2 -19.81 9.04 24.16
CA GLY C 2 -18.48 8.84 24.68
C GLY C 2 -18.47 8.77 26.19
N VAL C 3 -19.63 8.83 26.84
CA VAL C 3 -19.62 8.75 28.30
C VAL C 3 -20.45 7.57 28.74
N PRO C 4 -19.81 6.42 28.89
CA PRO C 4 -20.59 5.25 29.27
C PRO C 4 -21.38 5.46 30.52
N ALA C 5 -22.61 4.97 30.48
CA ALA C 5 -23.42 4.85 31.66
C ALA C 5 -22.77 3.99 32.72
N ILE C 6 -22.07 2.95 32.26
CA ILE C 6 -21.44 2.00 33.14
C ILE C 6 -19.98 2.32 32.93
N GLN C 7 -19.35 2.92 33.94
CA GLN C 7 -18.01 3.44 33.73
C GLN C 7 -17.01 2.34 33.55
N PRO C 8 -16.22 2.44 32.51
CA PRO C 8 -15.18 1.44 32.37
C PRO C 8 -14.18 1.53 33.52
N VAL C 9 -13.66 0.37 33.90
CA VAL C 9 -12.67 0.35 34.95
C VAL C 9 -11.52 -0.31 34.25
N LEU C 10 -10.39 0.38 34.18
CA LEU C 10 -9.25 -0.18 33.52
C LEU C 10 -8.11 -0.28 34.50
N SER C 11 -7.42 -1.42 34.47
CA SER C 11 -6.23 -1.63 35.32
C SER C 11 -5.06 -0.73 34.95
N ILE D 1 -8.09 -9.17 21.76
CA ILE D 1 -7.01 -8.45 22.52
C ILE D 1 -6.11 -9.36 23.35
N VAL D 2 -4.81 -9.37 23.05
CA VAL D 2 -3.93 -10.20 23.81
C VAL D 2 -3.44 -9.32 24.96
N ASN D 3 -3.52 -9.88 26.17
CA ASN D 3 -3.05 -9.26 27.41
CA ASN D 3 -3.02 -9.26 27.39
C ASN D 3 -3.86 -8.03 27.81
N GLY D 4 -5.09 -8.04 27.39
CA GLY D 4 -6.04 -7.11 27.92
C GLY D 4 -6.69 -7.75 29.14
N GLU D 5 -7.89 -7.30 29.43
CA GLU D 5 -8.57 -7.77 30.61
C GLU D 5 -10.02 -7.62 30.26
N GLU D 6 -10.84 -8.35 30.99
CA GLU D 6 -12.22 -8.40 30.69
C GLU D 6 -12.76 -7.00 31.02
N ALA D 7 -13.57 -6.45 30.15
CA ALA D 7 -14.23 -5.17 30.47
C ALA D 7 -15.31 -5.32 31.57
N VAL D 8 -15.64 -4.21 32.23
CA VAL D 8 -16.85 -4.15 33.02
C VAL D 8 -17.96 -4.29 31.99
N PRO D 9 -18.92 -5.19 32.25
CA PRO D 9 -19.98 -5.41 31.24
C PRO D 9 -20.74 -4.14 30.93
N GLY D 10 -20.91 -3.84 29.65
CA GLY D 10 -21.69 -2.67 29.27
C GLY D 10 -20.89 -1.39 29.31
N SER D 11 -19.63 -1.47 29.71
CA SER D 11 -18.88 -0.21 29.97
C SER D 11 -18.28 0.41 28.69
N TRP D 12 -18.38 -0.30 27.56
CA TRP D 12 -17.99 0.23 26.25
C TRP D 12 -19.22 0.09 25.37
N PRO D 13 -20.22 0.92 25.62
CA PRO D 13 -21.53 0.67 25.06
C PRO D 13 -21.59 0.88 23.58
N TRP D 14 -20.54 1.44 23.00
CA TRP D 14 -20.63 1.65 21.57
C TRP D 14 -20.05 0.46 20.86
N GLN D 15 -19.36 -0.41 21.62
CA GLN D 15 -18.70 -1.54 20.98
C GLN D 15 -19.78 -2.47 20.48
N VAL D 16 -19.74 -2.72 19.21
CA VAL D 16 -20.61 -3.71 18.63
C VAL D 16 -19.79 -4.89 18.13
N SER D 17 -20.48 -6.00 17.96
CA SER D 17 -19.93 -7.18 17.36
C SER D 17 -20.56 -7.27 15.98
N LEU D 18 -19.73 -7.47 14.97
CA LEU D 18 -20.23 -7.75 13.63
CA LEU D 18 -20.23 -7.78 13.65
C LEU D 18 -20.30 -9.25 13.48
N GLN D 19 -21.50 -9.75 13.27
CA GLN D 19 -21.68 -11.16 13.19
C GLN D 19 -22.26 -11.56 11.86
N ASP D 20 -22.00 -12.80 11.47
CA ASP D 20 -22.68 -13.31 10.28
C ASP D 20 -24.04 -13.76 10.73
N LYS D 21 -24.83 -14.28 9.80
CA LYS D 21 -26.22 -14.52 10.01
C LYS D 21 -26.42 -15.62 11.09
N THR D 22 -25.34 -16.30 11.45
CA THR D 22 -25.38 -17.37 12.46
C THR D 22 -24.97 -16.90 13.85
N GLY D 23 -24.45 -15.69 13.95
CA GLY D 23 -24.03 -15.18 15.23
C GLY D 23 -22.56 -15.33 15.41
N PHE D 24 -21.85 -15.61 14.32
CA PHE D 24 -20.42 -15.72 14.39
C PHE D 24 -19.80 -14.38 14.30
N HIS D 25 -19.06 -14.03 15.33
CA HIS D 25 -18.43 -12.73 15.39
C HIS D 25 -17.19 -12.68 14.49
N PHE D 26 -17.09 -11.69 13.61
CA PHE D 26 -15.86 -11.65 12.81
C PHE D 26 -15.16 -10.33 12.90
N CYS D 27 -15.76 -9.32 13.51
CA CYS D 27 -15.12 -8.00 13.62
C CYS D 27 -15.94 -7.26 14.62
N GLY D 28 -15.35 -6.23 15.19
CA GLY D 28 -16.08 -5.26 15.96
C GLY D 28 -16.46 -4.03 15.16
N GLY D 29 -17.05 -3.09 15.87
CA GLY D 29 -17.57 -1.87 15.26
C GLY D 29 -17.82 -0.98 16.43
N SER D 30 -18.10 0.28 16.12
CA SER D 30 -18.48 1.19 17.12
C SER D 30 -19.71 1.97 16.64
N LEU D 31 -20.73 2.04 17.51
CA LEU D 31 -21.87 2.86 17.26
C LEU D 31 -21.43 4.31 17.36
N ILE D 32 -21.72 5.08 16.33
CA ILE D 32 -21.45 6.53 16.42
C ILE D 32 -22.71 7.33 16.56
N ASN D 33 -23.83 6.63 16.36
CA ASN D 33 -25.15 7.10 16.76
C ASN D 33 -26.13 5.95 16.55
N GLU D 34 -27.44 6.23 16.71
CA GLU D 34 -28.41 5.16 16.74
C GLU D 34 -28.45 4.33 15.45
N ASN D 35 -27.98 4.93 14.35
CA ASN D 35 -28.27 4.39 13.06
C ASN D 35 -27.05 4.03 12.32
N TRP D 36 -25.88 4.36 12.88
CA TRP D 36 -24.64 4.11 12.19
C TRP D 36 -23.57 3.47 13.05
N VAL D 37 -22.92 2.48 12.47
CA VAL D 37 -21.76 1.93 13.09
C VAL D 37 -20.57 2.18 12.19
N VAL D 38 -19.42 2.40 12.83
CA VAL D 38 -18.23 2.57 12.06
CA VAL D 38 -18.16 2.62 12.15
C VAL D 38 -17.39 1.32 12.36
N THR D 39 -16.86 0.75 11.29
CA THR D 39 -16.07 -0.45 11.45
C THR D 39 -14.93 -0.37 10.44
N ALA D 40 -14.13 -1.41 10.33
CA ALA D 40 -13.00 -1.42 9.41
C ALA D 40 -13.53 -1.84 8.03
N ALA D 41 -13.01 -1.19 7.00
CA ALA D 41 -13.39 -1.60 5.64
C ALA D 41 -12.96 -3.05 5.33
N HIS D 42 -11.83 -3.48 5.88
CA HIS D 42 -11.27 -4.77 5.49
C HIS D 42 -12.16 -5.89 6.11
N CYS D 43 -13.04 -5.51 7.04
CA CYS D 43 -13.84 -6.58 7.66
C CYS D 43 -14.77 -7.21 6.65
N GLY D 44 -15.11 -6.50 5.57
CA GLY D 44 -15.93 -7.09 4.54
C GLY D 44 -17.36 -7.30 4.97
N VAL D 45 -17.86 -6.36 5.77
CA VAL D 45 -19.24 -6.39 6.24
C VAL D 45 -20.14 -6.31 5.07
N THR D 46 -21.18 -7.12 5.07
CA THR D 46 -22.20 -6.99 4.07
C THR D 46 -23.53 -6.90 4.79
N THR D 47 -24.56 -6.58 4.03
CA THR D 47 -25.90 -6.47 4.56
C THR D 47 -26.48 -7.82 5.03
N SER D 48 -25.73 -8.89 4.84
CA SER D 48 -26.10 -10.23 5.35
C SER D 48 -25.64 -10.36 6.78
N ASP D 49 -24.74 -9.48 7.16
CA ASP D 49 -24.17 -9.53 8.48
C ASP D 49 -25.02 -8.75 9.40
N VAL D 50 -24.79 -8.91 10.69
CA VAL D 50 -25.57 -8.16 11.66
CA VAL D 50 -25.58 -8.22 11.70
C VAL D 50 -24.67 -7.48 12.68
N VAL D 51 -25.16 -6.34 13.14
CA VAL D 51 -24.51 -5.56 14.17
C VAL D 51 -25.20 -5.99 15.44
N VAL D 52 -24.41 -6.48 16.37
CA VAL D 52 -24.97 -6.87 17.65
C VAL D 52 -24.43 -5.85 18.65
N ALA D 53 -25.36 -5.16 19.30
CA ALA D 53 -25.00 -4.10 20.24
C ALA D 53 -25.40 -4.63 21.60
N GLY D 54 -24.69 -4.19 22.62
CA GLY D 54 -25.10 -4.42 23.96
C GLY D 54 -24.53 -5.69 24.50
N GLU D 55 -23.61 -6.36 23.77
CA GLU D 55 -23.10 -7.65 24.25
C GLU D 55 -21.97 -7.39 25.15
N PHE D 56 -21.90 -8.24 26.15
CA PHE D 56 -20.70 -8.34 26.90
C PHE D 56 -20.16 -9.76 26.69
N ASP D 57 -21.00 -10.73 27.00
CA ASP D 57 -20.59 -12.11 27.00
C ASP D 57 -21.28 -12.74 25.80
N GLN D 58 -20.51 -12.97 24.72
CA GLN D 58 -21.02 -13.65 23.57
C GLN D 58 -21.38 -15.10 23.82
N GLY D 59 -20.92 -15.70 24.93
CA GLY D 59 -21.32 -17.05 25.29
C GLY D 59 -22.64 -17.04 26.04
N SER D 60 -23.15 -15.86 26.34
CA SER D 60 -24.38 -15.81 27.12
C SER D 60 -25.55 -15.54 26.20
N SER D 61 -26.67 -16.20 26.47
CA SER D 61 -27.86 -15.98 25.67
CA SER D 61 -27.88 -16.02 25.69
C SER D 61 -28.85 -15.13 26.47
N SER D 62 -28.39 -14.58 27.59
CA SER D 62 -29.32 -13.92 28.49
C SER D 62 -29.10 -12.41 28.65
N GLU D 63 -28.26 -11.82 27.81
CA GLU D 63 -28.05 -10.38 27.83
C GLU D 63 -29.09 -9.66 26.98
N LYS D 64 -29.46 -8.45 27.40
CA LYS D 64 -30.33 -7.61 26.58
C LYS D 64 -29.45 -7.07 25.45
N ILE D 65 -29.45 -7.81 24.36
CA ILE D 65 -28.68 -7.42 23.23
C ILE D 65 -29.58 -6.95 22.14
N GLN D 66 -29.00 -6.21 21.23
CA GLN D 66 -29.75 -5.82 20.05
C GLN D 66 -29.03 -6.32 18.80
N LYS D 67 -29.76 -7.12 18.05
CA LYS D 67 -29.25 -7.65 16.80
C LYS D 67 -29.83 -6.74 15.74
N LEU D 68 -28.97 -6.02 15.10
CA LEU D 68 -29.38 -4.93 14.24
C LEU D 68 -28.98 -5.26 12.82
N LYS D 69 -29.98 -5.24 11.95
CA LYS D 69 -29.78 -5.47 10.55
C LYS D 69 -29.08 -4.27 9.93
N ILE D 70 -28.30 -4.56 8.91
CA ILE D 70 -27.54 -3.53 8.25
C ILE D 70 -28.26 -3.23 6.97
N ALA D 71 -28.68 -1.98 6.79
CA ALA D 71 -29.41 -1.60 5.60
C ALA D 71 -28.41 -1.41 4.47
N LYS D 72 -27.24 -0.88 4.78
CA LYS D 72 -26.32 -0.42 3.75
C LYS D 72 -24.94 -0.26 4.29
N VAL D 73 -23.98 -0.73 3.50
CA VAL D 73 -22.59 -0.67 3.85
C VAL D 73 -21.99 0.40 2.95
N PHE D 74 -21.24 1.29 3.59
CA PHE D 74 -20.56 2.37 2.91
C PHE D 74 -19.10 2.18 3.14
N LYS D 75 -18.45 1.51 2.20
CA LYS D 75 -17.02 1.35 2.28
C LYS D 75 -16.37 2.67 1.80
N ASN D 76 -15.39 3.16 2.53
CA ASN D 76 -14.71 4.34 2.07
C ASN D 76 -14.11 4.02 0.70
N SER D 77 -14.41 4.80 -0.32
CA SER D 77 -13.90 4.46 -1.65
C SER D 77 -12.35 4.51 -1.72
N LYS D 78 -11.71 5.21 -0.77
CA LYS D 78 -10.27 5.36 -0.75
C LYS D 78 -9.64 4.11 -0.12
N TYR D 79 -10.45 3.24 0.44
CA TYR D 79 -9.89 2.03 1.06
C TYR D 79 -9.01 1.28 0.05
N ASN D 80 -7.81 1.00 0.47
CA ASN D 80 -6.88 0.24 -0.33
C ASN D 80 -6.76 -1.15 0.33
N SER D 81 -7.23 -2.17 -0.38
CA SER D 81 -7.32 -3.50 0.27
C SER D 81 -5.98 -4.14 0.35
N LEU D 82 -5.01 -3.59 -0.33
CA LEU D 82 -3.67 -4.17 -0.23
C LEU D 82 -2.85 -3.52 0.87
N THR D 83 -2.96 -2.20 0.99
CA THR D 83 -2.23 -1.49 2.02
C THR D 83 -3.10 -1.30 3.28
N ILE D 84 -4.39 -1.63 3.19
CA ILE D 84 -5.35 -1.43 4.29
C ILE D 84 -5.41 0.05 4.70
N ASN D 85 -5.02 0.94 3.82
CA ASN D 85 -5.23 2.37 4.13
C ASN D 85 -6.69 2.81 4.00
N ASN D 86 -7.09 3.81 4.77
CA ASN D 86 -8.47 4.33 4.70
C ASN D 86 -9.46 3.23 5.03
N ASP D 87 -9.15 2.55 6.12
CA ASP D 87 -9.74 1.28 6.49
C ASP D 87 -10.93 1.56 7.33
N ILE D 88 -11.95 2.08 6.68
CA ILE D 88 -13.16 2.41 7.36
C ILE D 88 -14.34 2.17 6.46
N THR D 89 -15.42 1.70 7.10
CA THR D 89 -16.71 1.46 6.51
C THR D 89 -17.72 1.88 7.52
N LEU D 90 -18.76 2.52 6.99
CA LEU D 90 -19.90 2.86 7.77
C LEU D 90 -20.95 1.84 7.46
N LEU D 91 -21.68 1.43 8.51
CA LEU D 91 -22.85 0.55 8.38
C LEU D 91 -24.01 1.40 8.83
N LYS D 92 -24.93 1.64 7.89
CA LYS D 92 -26.21 2.18 8.21
C LYS D 92 -27.14 1.06 8.64
N LEU D 93 -27.69 1.20 9.82
CA LEU D 93 -28.57 0.16 10.35
C LEU D 93 -29.95 0.27 9.76
N SER D 94 -30.59 -0.88 9.49
CA SER D 94 -31.97 -0.92 8.94
C SER D 94 -32.91 -0.33 9.96
N THR D 95 -32.61 -0.59 11.23
CA THR D 95 -33.41 -0.04 12.34
CA THR D 95 -33.40 0.04 12.27
C THR D 95 -32.47 0.56 13.38
N ALA D 96 -32.89 1.70 13.94
CA ALA D 96 -32.07 2.42 14.90
C ALA D 96 -31.81 1.53 16.09
N ALA D 97 -30.60 1.58 16.61
CA ALA D 97 -30.30 0.96 17.88
C ALA D 97 -31.07 1.76 18.94
N SER D 98 -31.48 1.07 19.98
CA SER D 98 -32.16 1.69 21.08
CA SER D 98 -32.16 1.71 21.08
C SER D 98 -31.08 1.97 22.10
N PHE D 99 -30.79 3.27 22.36
CA PHE D 99 -29.65 3.50 23.25
C PHE D 99 -30.14 3.30 24.69
N SER D 100 -29.26 2.80 25.53
CA SER D 100 -29.64 2.40 26.87
C SER D 100 -28.34 2.48 27.62
N GLN D 101 -28.31 2.10 28.91
CA GLN D 101 -27.01 1.98 29.64
C GLN D 101 -25.91 1.27 28.89
N THR D 102 -26.28 0.20 28.18
CA THR D 102 -25.23 -0.64 27.56
C THR D 102 -25.07 -0.41 26.05
N VAL D 103 -25.82 0.56 25.52
CA VAL D 103 -25.75 0.74 24.10
C VAL D 103 -25.78 2.23 23.85
N SER D 104 -24.69 2.76 23.33
CA SER D 104 -24.80 4.18 23.06
C SER D 104 -23.62 4.49 22.18
N ALA D 105 -23.37 5.78 21.90
CA ALA D 105 -22.43 6.17 20.90
C ALA D 105 -21.08 6.57 21.46
N VAL D 106 -20.06 6.27 20.65
CA VAL D 106 -18.74 6.83 20.92
C VAL D 106 -18.72 8.20 20.23
N CYS D 107 -17.90 9.12 20.76
CA CYS D 107 -17.71 10.40 20.12
C CYS D 107 -16.78 10.26 18.95
N LEU D 108 -17.05 11.06 17.95
CA LEU D 108 -16.16 11.18 16.80
C LEU D 108 -15.33 12.41 17.00
N PRO D 109 -14.06 12.33 16.60
CA PRO D 109 -13.16 13.46 16.76
C PRO D 109 -13.43 14.40 15.63
N SER D 110 -12.94 15.62 15.75
CA SER D 110 -12.89 16.50 14.62
CA SER D 110 -12.90 16.48 14.60
C SER D 110 -11.66 16.09 13.80
N ALA D 111 -11.63 16.43 12.52
CA ALA D 111 -10.48 16.03 11.71
C ALA D 111 -9.20 16.69 12.24
N SER D 112 -9.34 17.82 12.93
CA SER D 112 -8.18 18.63 13.38
C SER D 112 -7.72 18.19 14.78
N ASP D 113 -8.44 17.26 15.41
CA ASP D 113 -8.10 16.86 16.77
C ASP D 113 -6.71 16.25 16.84
N ASP D 114 -5.97 16.63 17.88
CA ASP D 114 -4.66 16.10 18.15
C ASP D 114 -4.80 15.13 19.28
N PHE D 115 -4.52 13.88 18.96
CA PHE D 115 -4.35 12.83 19.97
C PHE D 115 -2.90 12.51 19.97
N ALA D 116 -2.20 13.00 20.98
CA ALA D 116 -0.77 13.07 20.92
C ALA D 116 -0.20 11.67 21.09
N ALA D 117 0.91 11.44 20.40
CA ALA D 117 1.72 10.26 20.64
C ALA D 117 1.90 10.16 22.16
N GLY D 118 1.76 8.95 22.71
CA GLY D 118 2.05 8.77 24.11
C GLY D 118 0.78 8.75 24.92
N THR D 119 -0.31 9.16 24.30
CA THR D 119 -1.58 9.22 25.00
C THR D 119 -1.96 7.79 25.29
N THR D 120 -2.39 7.49 26.52
CA THR D 120 -2.91 6.15 26.79
C THR D 120 -4.38 6.15 26.38
N CYS D 121 -4.71 5.25 25.44
CA CYS D 121 -6.05 5.09 24.92
C CYS D 121 -6.42 3.68 25.25
N VAL D 122 -7.56 3.27 24.71
CA VAL D 122 -8.17 2.00 25.06
C VAL D 122 -8.70 1.43 23.80
N THR D 123 -8.48 0.14 23.65
CA THR D 123 -9.13 -0.59 22.58
C THR D 123 -9.89 -1.71 23.18
N THR D 124 -10.93 -2.16 22.47
CA THR D 124 -11.82 -3.11 23.09
C THR D 124 -12.19 -4.06 22.03
N GLY D 125 -12.69 -5.22 22.38
CA GLY D 125 -13.11 -6.11 21.33
C GLY D 125 -13.13 -7.51 21.82
N TRP D 126 -13.63 -8.38 20.98
CA TRP D 126 -13.64 -9.81 21.31
C TRP D 126 -12.61 -10.55 20.46
N GLY D 127 -11.56 -9.86 19.99
CA GLY D 127 -10.50 -10.57 19.26
C GLY D 127 -9.81 -11.57 20.17
N LEU D 128 -9.00 -12.43 19.57
CA LEU D 128 -8.26 -13.41 20.28
C LEU D 128 -7.56 -12.78 21.48
N THR D 129 -7.51 -13.53 22.59
CA THR D 129 -6.72 -13.11 23.74
C THR D 129 -5.33 -13.76 23.71
N ARG D 130 -5.19 -14.77 22.89
CA ARG D 130 -3.94 -15.41 22.80
C ARG D 130 -3.99 -15.85 21.38
N TYR D 131 -2.92 -15.52 20.68
CA TYR D 131 -2.75 -15.90 19.30
C TYR D 131 -2.53 -17.42 19.15
N ASN E 1 -6.90 -18.44 21.95
CA ASN E 1 -7.93 -18.15 22.98
C ASN E 1 -8.94 -17.08 22.49
N THR E 2 -10.19 -17.43 22.22
CA THR E 2 -11.09 -16.32 21.91
C THR E 2 -12.02 -16.04 23.08
N PRO E 3 -12.39 -14.77 23.22
CA PRO E 3 -13.06 -14.58 24.46
C PRO E 3 -14.52 -14.45 24.21
N ASP E 4 -15.28 -15.07 25.09
CA ASP E 4 -16.71 -14.79 25.14
C ASP E 4 -16.93 -13.36 25.60
N ARG E 5 -16.11 -12.88 26.54
CA ARG E 5 -16.37 -11.65 27.24
C ARG E 5 -15.50 -10.53 26.68
N LEU E 6 -16.16 -9.41 26.46
CA LEU E 6 -15.55 -8.23 25.88
C LEU E 6 -14.28 -7.91 26.63
N GLN E 7 -13.21 -7.69 25.87
CA GLN E 7 -11.97 -7.37 26.52
C GLN E 7 -11.61 -5.94 26.24
N GLN E 8 -10.65 -5.44 26.99
CA GLN E 8 -10.17 -4.10 26.82
C GLN E 8 -8.71 -4.08 27.12
N ALA E 9 -8.01 -3.07 26.62
CA ALA E 9 -6.63 -2.88 27.00
C ALA E 9 -6.38 -1.39 26.83
N SER E 10 -5.56 -0.84 27.71
CA SER E 10 -5.05 0.44 27.63
C SER E 10 -3.80 0.28 26.85
N LEU E 11 -3.48 1.27 26.05
CA LEU E 11 -2.26 1.16 25.22
C LEU E 11 -1.97 2.57 24.74
N PRO E 12 -0.71 2.85 24.51
CA PRO E 12 -0.30 4.18 24.14
C PRO E 12 -0.44 4.41 22.64
N LEU E 13 -0.82 5.60 22.25
CA LEU E 13 -0.67 6.00 20.86
C LEU E 13 0.80 6.14 20.56
N LEU E 14 1.18 5.73 19.35
CA LEU E 14 2.57 5.95 18.96
C LEU E 14 2.57 7.10 17.97
N SER E 15 3.64 7.82 17.90
CA SER E 15 3.83 8.79 16.81
C SER E 15 3.98 7.94 15.52
N ASN E 16 3.63 8.51 14.39
CA ASN E 16 3.78 7.77 13.16
C ASN E 16 5.27 7.51 12.95
N THR E 17 6.14 8.37 13.47
CA THR E 17 7.56 8.16 13.38
C THR E 17 8.02 6.95 14.22
N ASN E 18 7.56 6.86 15.47
CA ASN E 18 7.85 5.70 16.25
CA ASN E 18 7.92 5.68 16.22
C ASN E 18 7.26 4.44 15.63
N CYS E 19 6.02 4.52 15.17
CA CYS E 19 5.40 3.36 14.59
C CYS E 19 6.16 2.85 13.37
N LYS E 20 6.69 3.79 12.59
CA LYS E 20 7.46 3.43 11.42
C LYS E 20 8.73 2.68 11.73
N LYS E 21 9.23 2.87 12.94
CA LYS E 21 10.38 2.08 13.39
C LYS E 21 10.04 0.60 13.29
N TYR E 22 8.77 0.28 13.47
CA TYR E 22 8.33 -1.12 13.47
C TYR E 22 7.86 -1.53 12.08
N TRP E 23 7.12 -0.65 11.43
CA TRP E 23 6.26 -1.04 10.30
C TRP E 23 6.69 -0.41 9.01
N GLY E 24 7.63 0.52 9.14
CA GLY E 24 8.20 1.20 8.00
C GLY E 24 7.11 1.85 7.17
N THR E 25 7.24 1.68 5.86
CA THR E 25 6.40 2.46 4.94
C THR E 25 4.95 2.00 4.93
N LYS E 26 4.66 0.90 5.63
CA LYS E 26 3.27 0.42 5.70
C LYS E 26 2.39 1.43 6.37
N ILE E 27 2.99 2.29 7.17
CA ILE E 27 2.23 3.19 7.99
C ILE E 27 1.86 4.36 7.14
N LYS E 28 0.56 4.52 6.90
CA LYS E 28 0.10 5.64 6.08
C LYS E 28 -0.53 6.74 6.96
N ASP E 29 -0.71 7.91 6.36
CA ASP E 29 -1.30 9.03 7.10
C ASP E 29 -2.67 8.70 7.67
N ALA E 30 -3.45 7.83 6.99
CA ALA E 30 -4.76 7.49 7.54
C ALA E 30 -4.65 6.31 8.57
N MET E 31 -3.47 6.10 9.10
CA MET E 31 -3.25 5.08 10.11
C MET E 31 -2.69 5.72 11.35
N ILE E 32 -2.96 5.12 12.48
CA ILE E 32 -2.36 5.55 13.71
C ILE E 32 -2.06 4.22 14.42
N CYS E 33 -0.87 4.19 14.98
CA CYS E 33 -0.46 3.02 15.72
C CYS E 33 -0.65 3.21 17.21
N ALA E 34 -0.91 2.08 17.85
CA ALA E 34 -1.02 2.06 19.28
C ALA E 34 -0.55 0.66 19.74
N GLY E 35 0.06 0.64 20.91
CA GLY E 35 0.35 -0.64 21.55
C GLY E 35 1.87 -0.76 21.48
N ALA E 36 2.36 -1.95 21.08
CA ALA E 36 3.78 -2.35 21.20
C ALA E 36 4.11 -2.17 22.70
N SER E 37 3.10 -2.38 23.54
CA SER E 37 3.25 -2.01 24.96
C SER E 37 2.94 -3.18 25.91
N GLY E 38 2.77 -4.39 25.35
CA GLY E 38 2.53 -5.57 26.19
C GLY E 38 1.07 -5.98 25.95
N VAL E 39 0.34 -5.30 25.07
CA VAL E 39 -0.99 -5.72 24.67
C VAL E 39 -1.03 -5.59 23.17
N SER E 40 -2.03 -6.24 22.59
CA SER E 40 -2.22 -6.17 21.17
C SER E 40 -3.66 -6.46 20.86
N SER E 41 -4.17 -5.69 19.94
CA SER E 41 -5.39 -6.04 19.25
C SER E 41 -5.06 -7.34 18.53
N CYS E 42 -6.10 -8.14 18.31
CA CYS E 42 -5.83 -9.42 17.71
C CYS E 42 -7.04 -9.84 16.88
N MET E 43 -6.95 -10.99 16.26
CA MET E 43 -7.96 -11.36 15.27
C MET E 43 -9.34 -11.38 15.85
N GLY E 44 -10.23 -10.65 15.21
CA GLY E 44 -11.61 -10.51 15.73
C GLY E 44 -11.78 -9.15 16.35
N ASP E 45 -10.68 -8.43 16.63
CA ASP E 45 -10.79 -7.06 17.12
C ASP E 45 -11.03 -6.04 16.02
N SER E 46 -10.60 -6.34 14.79
CA SER E 46 -10.77 -5.41 13.69
C SER E 46 -12.08 -4.68 13.65
N GLY E 47 -12.02 -3.39 13.31
CA GLY E 47 -13.27 -2.64 13.09
C GLY E 47 -13.74 -2.03 14.40
N GLY E 48 -13.27 -2.60 15.51
CA GLY E 48 -13.61 -2.08 16.80
C GLY E 48 -12.85 -0.80 17.11
N PRO E 49 -13.12 -0.22 18.26
CA PRO E 49 -12.67 1.13 18.60
C PRO E 49 -11.29 1.14 19.24
N LEU E 50 -10.60 2.19 18.94
CA LEU E 50 -9.49 2.66 19.71
C LEU E 50 -9.96 4.05 20.14
N VAL E 51 -10.15 4.19 21.43
CA VAL E 51 -10.74 5.39 21.93
C VAL E 51 -9.81 6.06 22.92
N CYS E 52 -9.89 7.37 22.92
CA CYS E 52 -9.09 8.20 23.82
C CYS E 52 -10.06 9.15 24.41
N LYS E 53 -9.78 9.59 25.63
CA LYS E 53 -10.53 10.67 26.23
C LYS E 53 -10.30 12.00 25.51
N LYS E 54 -11.39 12.69 25.28
CA LYS E 54 -11.29 14.07 24.79
C LYS E 54 -12.26 14.77 25.70
N ASN E 55 -11.71 15.59 26.61
CA ASN E 55 -12.51 16.30 27.59
C ASN E 55 -13.56 15.43 28.34
N GLY E 56 -13.09 14.32 28.94
CA GLY E 56 -13.95 13.40 29.69
C GLY E 56 -14.68 12.36 28.80
N ALA E 57 -14.69 12.58 27.50
CA ALA E 57 -15.56 11.73 26.68
C ALA E 57 -14.67 10.83 25.82
N TRP E 58 -15.05 9.59 25.72
CA TRP E 58 -14.29 8.67 24.88
C TRP E 58 -14.61 8.96 23.43
N THR E 59 -13.53 9.06 22.66
CA THR E 59 -13.59 9.59 21.31
C THR E 59 -12.84 8.64 20.44
N LEU E 60 -13.46 8.27 19.31
CA LEU E 60 -12.94 7.25 18.46
C LEU E 60 -11.74 7.77 17.70
N VAL E 61 -10.55 7.27 18.05
CA VAL E 61 -9.33 7.84 17.53
C VAL E 61 -8.86 6.85 16.50
N GLY E 62 -9.11 5.58 16.77
CA GLY E 62 -8.73 4.57 15.82
C GLY E 62 -9.81 3.55 15.58
N ILE E 63 -9.66 2.83 14.50
CA ILE E 63 -10.46 1.64 14.26
C ILE E 63 -9.47 0.48 14.12
N VAL E 64 -9.65 -0.59 14.90
CA VAL E 64 -8.70 -1.71 14.84
C VAL E 64 -8.57 -2.15 13.39
N SER E 65 -7.33 -2.22 12.93
CA SER E 65 -7.14 -2.43 11.52
C SER E 65 -6.20 -3.59 11.31
N TRP E 66 -4.91 -3.44 11.61
CA TRP E 66 -4.01 -4.54 11.28
C TRP E 66 -2.73 -4.41 12.07
N GLY E 67 -1.92 -5.46 12.01
CA GLY E 67 -0.64 -5.38 12.61
C GLY E 67 0.00 -6.75 12.58
N SER E 68 0.68 -7.07 13.69
CA SER E 68 1.48 -8.27 13.76
C SER E 68 0.64 -9.49 13.35
N SER E 69 1.18 -10.30 12.45
CA SER E 69 0.48 -11.55 12.06
C SER E 69 0.28 -12.47 13.27
N THR E 70 1.07 -12.27 14.31
CA THR E 70 0.97 -13.12 15.50
CA THR E 70 0.96 -13.13 15.50
C THR E 70 0.42 -12.30 16.69
N CYS E 71 -0.08 -11.09 16.45
CA CYS E 71 -0.61 -10.19 17.50
C CYS E 71 0.46 -10.01 18.57
N SER E 72 1.68 -9.75 18.14
CA SER E 72 2.77 -9.70 19.07
C SER E 72 2.48 -8.45 19.88
N THR E 73 2.65 -8.57 21.19
CA THR E 73 2.32 -7.44 22.04
C THR E 73 3.51 -6.48 22.08
N SER E 74 4.53 -6.73 21.29
CA SER E 74 5.70 -5.86 21.24
C SER E 74 5.77 -5.15 19.88
N THR E 75 4.71 -5.26 19.10
CA THR E 75 4.61 -4.60 17.83
C THR E 75 3.34 -3.74 17.91
N PRO E 76 3.40 -2.55 17.37
CA PRO E 76 2.25 -1.71 17.47
C PRO E 76 1.13 -2.27 16.62
N GLY E 77 -0.06 -2.22 17.17
CA GLY E 77 -1.24 -2.41 16.36
C GLY E 77 -1.46 -1.15 15.50
N VAL E 78 -1.99 -1.35 14.32
CA VAL E 78 -2.23 -0.23 13.46
C VAL E 78 -3.73 -0.07 13.29
N TYR E 79 -4.17 1.14 13.39
CA TYR E 79 -5.60 1.43 13.53
C TYR E 79 -5.88 2.41 12.43
N ALA E 80 -7.13 2.40 11.92
CA ALA E 80 -7.45 3.46 10.97
C ALA E 80 -7.53 4.73 11.76
N ARG E 81 -6.87 5.77 11.29
CA ARG E 81 -6.84 7.08 11.97
C ARG E 81 -8.11 7.83 11.70
N VAL E 82 -8.96 7.82 12.69
CA VAL E 82 -10.28 8.37 12.50
C VAL E 82 -10.26 9.86 12.17
N THR E 83 -9.33 10.67 12.73
CA THR E 83 -9.27 12.10 12.36
C THR E 83 -9.09 12.26 10.87
N ALA E 84 -8.41 11.30 10.24
CA ALA E 84 -8.13 11.41 8.82
C ALA E 84 -9.36 10.97 8.02
N LEU E 85 -10.29 10.31 8.67
CA LEU E 85 -11.40 9.70 7.97
C LEU E 85 -12.75 10.26 8.37
N VAL E 86 -12.74 11.11 9.37
CA VAL E 86 -14.01 11.51 10.00
C VAL E 86 -14.73 12.49 9.09
N ASN E 87 -14.00 13.21 8.24
CA ASN E 87 -14.68 14.06 7.30
C ASN E 87 -15.52 13.23 6.37
N TRP E 88 -14.95 12.12 5.92
CA TRP E 88 -15.66 11.19 5.06
C TRP E 88 -16.85 10.61 5.86
N VAL E 89 -16.67 10.37 7.15
CA VAL E 89 -17.74 9.82 7.98
C VAL E 89 -18.87 10.83 7.99
N GLN E 90 -18.54 12.09 8.30
CA GLN E 90 -19.56 13.11 8.38
C GLN E 90 -20.28 13.28 7.05
N GLN E 91 -19.54 13.23 5.95
CA GLN E 91 -20.13 13.47 4.65
C GLN E 91 -21.03 12.33 4.28
N THR E 92 -20.62 11.10 4.62
CA THR E 92 -21.46 9.94 4.37
C THR E 92 -22.75 10.02 5.21
N LEU E 93 -22.62 10.36 6.50
CA LEU E 93 -23.81 10.53 7.33
C LEU E 93 -24.73 11.62 6.76
N ALA E 94 -24.14 12.75 6.41
CA ALA E 94 -24.91 13.85 5.82
C ALA E 94 -25.67 13.43 4.55
N ALA E 95 -25.01 12.70 3.66
CA ALA E 95 -25.60 12.28 2.39
C ALA E 95 -26.60 11.13 2.53
N ASN E 96 -26.77 10.62 3.75
CA ASN E 96 -27.49 9.35 3.92
C ASN E 96 -28.36 9.26 5.15
CA CA F . 28.81 -0.36 -26.72
C1 GOL G . 3.24 11.11 -2.15
O1 GOL G . 4.43 10.34 -2.18
C2 GOL G . 2.47 10.89 -3.43
O2 GOL G . 1.92 9.60 -3.34
C3 GOL G . 1.33 11.89 -3.46
O3 GOL G . 1.90 13.02 -4.10
C1 GOL H . 3.85 18.87 -11.81
O1 GOL H . 3.34 18.10 -10.73
C2 GOL H . 5.14 19.59 -11.39
O2 GOL H . 6.03 18.58 -11.14
C3 GOL H . 4.96 20.30 -10.03
O3 GOL H . 4.29 21.56 -10.19
C1 GOL I . 2.65 4.98 -1.27
O1 GOL I . 2.86 3.71 -1.81
C2 GOL I . 3.80 5.19 -0.35
O2 GOL I . 4.50 6.36 -0.69
C3 GOL I . 3.17 5.56 0.93
O3 GOL I . 3.30 6.92 0.71
C1 GOL J . -0.81 7.92 -4.69
O1 GOL J . -0.18 9.05 -4.15
C2 GOL J . -2.26 7.90 -4.27
O2 GOL J . -3.07 7.70 -5.38
C3 GOL J . -2.51 6.76 -3.29
O3 GOL J . -1.74 5.59 -3.54
C1 GOL K . 30.17 7.34 -6.67
O1 GOL K . 31.47 7.55 -6.19
C2 GOL K . 29.32 8.42 -6.04
O2 GOL K . 29.49 8.23 -4.64
C3 GOL K . 27.83 8.32 -6.50
O3 GOL K . 27.29 7.08 -6.10
S SO4 L . 20.75 -8.46 -30.17
O1 SO4 L . 20.72 -8.68 -28.73
O2 SO4 L . 19.41 -8.32 -30.79
O3 SO4 L . 21.65 -7.32 -30.36
O4 SO4 L . 21.46 -9.62 -30.76
S SO4 M . -7.09 0.81 -6.33
O1 SO4 M . -7.16 0.42 -4.90
O2 SO4 M . -8.29 1.59 -6.65
O3 SO4 M . -5.91 1.63 -6.51
O4 SO4 M . -6.99 -0.34 -7.21
S SO4 N . 16.54 20.41 -17.62
O1 SO4 N . 15.53 21.01 -16.76
O2 SO4 N . 16.38 20.79 -19.03
O3 SO4 N . 17.86 20.85 -17.18
O4 SO4 N . 16.38 18.95 -17.47
C1 EDO O . 15.36 18.19 -4.45
O1 EDO O . 16.40 17.24 -4.42
C2 EDO O . 15.97 19.54 -4.19
O2 EDO O . 14.86 20.39 -4.31
C1 EDO P . 22.38 -7.91 -18.98
O1 EDO P . 22.62 -9.29 -18.70
C2 EDO P . 22.27 -7.26 -17.62
O2 EDO P . 23.53 -7.38 -16.95
C1 EDO Q . 8.87 -16.34 -24.89
O1 EDO Q . 9.63 -16.42 -23.68
C2 EDO Q . 9.47 -15.17 -25.63
O2 EDO Q . 9.01 -14.04 -24.87
C1 MRD R . -2.65 9.84 -16.51
C2 MRD R . -2.12 8.60 -17.10
O2 MRD R . -2.19 7.66 -16.02
CM MRD R . -3.02 8.14 -18.25
C3 MRD R . -0.70 8.62 -17.64
C4 MRD R . 0.25 9.78 -17.47
O4 MRD R . -0.40 11.07 -17.69
C5 MRD R . 1.50 9.43 -18.28
C1 GOL S . -4.24 -17.10 -1.44
O1 GOL S . -5.07 -16.57 -2.45
C2 GOL S . -3.49 -18.40 -1.87
O2 GOL S . -3.22 -19.30 -0.78
C3 GOL S . -4.17 -19.16 -2.99
O3 GOL S . -3.52 -20.43 -3.12
S SO4 T . 2.40 -22.30 0.81
O1 SO4 T . 2.70 -21.14 -0.09
O2 SO4 T . 0.92 -22.45 1.07
O3 SO4 T . 3.13 -21.94 2.10
O4 SO4 T . 2.90 -23.49 0.11
S SO4 U . -1.40 -5.49 5.50
O1 SO4 U . -1.38 -4.01 5.39
O2 SO4 U . -2.61 -6.10 4.86
O3 SO4 U . -1.46 -5.85 6.91
O4 SO4 U . -0.19 -5.98 4.87
S SO4 V . -17.04 7.57 -1.02
O1 SO4 V . -17.97 8.55 -0.44
O2 SO4 V . -17.66 6.90 -2.13
O3 SO4 V . -15.90 8.40 -1.37
O4 SO4 V . -16.67 6.53 -0.10
S SO4 W . -23.19 11.95 14.82
O1 SO4 W . -22.96 13.18 14.06
O2 SO4 W . -24.54 11.48 14.58
O3 SO4 W . -23.09 12.22 16.26
O4 SO4 W . -22.17 10.94 14.46
C1 EDO X . -3.01 3.82 -0.57
O1 EDO X . -2.29 3.08 0.45
C2 EDO X . -3.84 4.85 0.18
O2 EDO X . -3.77 6.10 -0.48
C1 MRD Y . -16.48 -16.28 8.31
C2 MRD Y . -17.25 -15.03 7.90
O2 MRD Y . -18.06 -15.44 6.77
CM MRD Y . -18.16 -14.57 9.03
C3 MRD Y . -16.29 -13.89 7.46
C4 MRD Y . -16.95 -12.53 7.13
O4 MRD Y . -17.97 -12.72 6.12
C5 MRD Y . -15.90 -11.51 6.66
S SO4 Z . -13.80 -15.71 28.23
O1 SO4 Z . -14.08 -15.86 29.66
O2 SO4 Z . -14.29 -14.39 27.88
O3 SO4 Z . -12.38 -15.87 27.85
O4 SO4 Z . -14.52 -16.74 27.45
S SO4 AA . 10.21 10.36 20.38
O1 SO4 AA . 10.99 10.85 21.51
O2 SO4 AA . 8.87 10.94 20.46
O3 SO4 AA . 10.91 10.74 19.13
O4 SO4 AA . 10.17 8.90 20.49
C1 EDO BA . 2.20 12.19 15.10
O1 EDO BA . 2.21 10.80 14.70
C2 EDO BA . 3.59 12.71 15.44
O2 EDO BA . 3.75 12.88 16.87
C1 EDO CA . -11.50 15.83 3.73
O1 EDO CA . -10.86 15.90 5.01
C2 EDO CA . -11.05 14.51 3.15
O2 EDO CA . -12.08 13.63 3.60
#